data_5LT7
#
_entry.id   5LT7
#
_cell.length_a   59.229
_cell.length_b   61.788
_cell.length_c   77.576
_cell.angle_alpha   90.00
_cell.angle_beta   90.00
_cell.angle_gamma   90.00
#
_symmetry.space_group_name_H-M   'P 21 21 21'
#
loop_
_entity.id
_entity.type
_entity.pdbx_description
1 polymer 'Histone-lysine N-methyltransferase SETD2'
2 non-polymer 'ZINC ION'
3 non-polymer 'THIOCYANATE ION'
4 non-polymer [(2~{S},5~{R})-1-[(2~{R},3~{S},4~{R},5~{R})-5-(6-aminopurin-9-yl)-3,4-bis(oxidanyl)oxolan-2-yl]-5-azaniumyl-6-oxidanyl-6-oxidanylidene-hexan-2-yl]-[(2~{R})-2-oxidanylpropyl]azanium
5 water water
#
_entity_poly.entity_id   1
_entity_poly.type   'polypeptide(L)'
_entity_poly.pdbx_seq_one_letter_code
;MHHHHHHSSGRENLYFQGETSVPPGSALVGPSCVMDDFRDPQRWKECAKQGKMPCYFDLIEENVYLTERKKNKSHRDIKR
MQCECTPLSKDERAQGEIACGEDCLNRLLMIECSSRCPNGDYCSNRRFQRKQHADVEVILTEKKGWGLRAAKDLPSNTFV
LEYCGEVLDHKEFKARVKEYARNKNIHYYFMALKNDEIIDATQKGNCSRFMNHSCEPNCETQKWTVNGQLRVGFFTTKLV
PSGSELTFDYQFQRYGKEAQKCFCGSANCRGYLGGENRVSIRAAGGKMKKERSRK
;
_entity_poly.pdbx_strand_id   A
#
# COMPACT_ATOMS: atom_id res chain seq x y z
N GLY A 18 21.26 5.71 -34.82
CA GLY A 18 20.75 6.48 -35.93
C GLY A 18 19.94 7.65 -35.43
N GLU A 19 19.64 8.58 -36.41
CA GLU A 19 18.75 9.75 -36.24
C GLU A 19 17.42 9.26 -35.65
N THR A 20 16.98 9.85 -34.54
CA THR A 20 15.66 9.54 -33.95
C THR A 20 14.58 10.49 -34.48
N SER A 21 13.33 10.05 -34.34
CA SER A 21 12.23 10.86 -34.88
C SER A 21 11.04 10.61 -33.92
N VAL A 22 10.06 11.52 -33.95
CA VAL A 22 8.86 11.36 -33.14
C VAL A 22 8.12 10.11 -33.67
N PRO A 23 7.76 9.14 -32.82
CA PRO A 23 7.10 7.96 -33.37
C PRO A 23 5.69 8.30 -33.87
N PRO A 24 5.18 7.55 -34.86
CA PRO A 24 3.78 7.75 -35.24
C PRO A 24 2.86 7.41 -34.08
N GLY A 25 1.64 7.90 -34.12
CA GLY A 25 0.63 7.42 -33.17
C GLY A 25 0.50 5.92 -33.29
N SER A 26 0.32 5.26 -32.16
CA SER A 26 0.12 3.83 -32.06
C SER A 26 -1.17 3.60 -31.27
N ALA A 27 -2.15 2.94 -31.91
CA ALA A 27 -3.36 2.49 -31.25
C ALA A 27 -3.29 0.97 -31.11
N LEU A 28 -3.50 0.46 -29.88
CA LEU A 28 -3.56 -0.97 -29.62
C LEU A 28 -4.73 -1.62 -30.34
N VAL A 29 -4.51 -2.83 -30.86
CA VAL A 29 -5.55 -3.62 -31.50
C VAL A 29 -6.43 -4.26 -30.39
N GLY A 30 -5.84 -5.15 -29.60
CA GLY A 30 -6.51 -5.80 -28.47
C GLY A 30 -6.68 -4.84 -27.31
N PRO A 31 -7.92 -4.67 -26.78
CA PRO A 31 -8.19 -3.56 -25.83
C PRO A 31 -7.28 -3.50 -24.60
N SER A 32 -7.11 -2.28 -24.04
CA SER A 32 -6.23 -1.98 -22.92
C SER A 32 -6.74 -2.58 -21.62
N CYS A 33 -5.80 -2.98 -20.74
CA CYS A 33 -6.14 -3.35 -19.36
C CYS A 33 -6.01 -2.08 -18.49
N VAL A 34 -7.09 -1.78 -17.74
CA VAL A 34 -7.29 -0.55 -16.98
C VAL A 34 -7.49 -0.88 -15.47
N MET A 35 -7.43 0.12 -14.56
CA MET A 35 -7.55 -0.12 -13.12
C MET A 35 -8.88 -0.74 -12.75
N ASP A 36 -9.98 -0.33 -13.46
CA ASP A 36 -11.28 -0.92 -13.15
C ASP A 36 -11.30 -2.43 -13.39
N ASP A 37 -10.37 -2.96 -14.22
CA ASP A 37 -10.23 -4.39 -14.49
C ASP A 37 -9.82 -5.24 -13.30
N PHE A 38 -9.24 -4.64 -12.25
CA PHE A 38 -9.04 -5.36 -10.97
C PHE A 38 -10.36 -5.72 -10.29
N ARG A 39 -11.50 -5.05 -10.68
CA ARG A 39 -12.85 -5.41 -10.16
C ARG A 39 -13.64 -6.23 -11.17
N ASP A 40 -12.96 -6.71 -12.22
CA ASP A 40 -13.53 -7.56 -13.27
C ASP A 40 -12.70 -8.87 -13.39
N PRO A 41 -13.00 -9.90 -12.56
CA PRO A 41 -12.20 -11.13 -12.60
C PRO A 41 -11.96 -11.74 -13.96
N GLN A 42 -12.99 -11.72 -14.83
CA GLN A 42 -12.83 -12.33 -16.13
C GLN A 42 -11.76 -11.58 -16.92
N ARG A 43 -11.88 -10.24 -17.01
CA ARG A 43 -10.97 -9.46 -17.85
C ARG A 43 -9.55 -9.51 -17.22
N TRP A 44 -9.45 -9.45 -15.90
CA TRP A 44 -8.14 -9.53 -15.22
C TRP A 44 -7.45 -10.87 -15.53
N LYS A 45 -8.19 -11.97 -15.45
CA LYS A 45 -7.53 -13.26 -15.71
C LYS A 45 -6.99 -13.35 -17.15
N GLU A 46 -7.72 -12.73 -18.10
CA GLU A 46 -7.37 -12.63 -19.52
C GLU A 46 -6.10 -11.79 -19.67
N CYS A 47 -6.10 -10.61 -19.03
CA CYS A 47 -4.94 -9.69 -19.04
C CYS A 47 -3.70 -10.33 -18.43
N ALA A 48 -3.86 -11.04 -17.28
CA ALA A 48 -2.73 -11.72 -16.63
C ALA A 48 -2.02 -12.78 -17.50
N LYS A 49 -2.79 -13.57 -18.28
CA LYS A 49 -2.24 -14.51 -19.27
C LYS A 49 -1.30 -13.79 -20.26
N GLN A 50 -1.65 -12.56 -20.67
CA GLN A 50 -0.86 -11.77 -21.63
C GLN A 50 0.33 -11.01 -20.97
N GLY A 51 0.47 -11.11 -19.64
CA GLY A 51 1.49 -10.37 -18.87
C GLY A 51 1.21 -8.89 -18.79
N LYS A 52 -0.04 -8.50 -19.01
CA LYS A 52 -0.52 -7.12 -19.04
C LYS A 52 -1.06 -6.73 -17.69
N MET A 53 -1.32 -7.72 -16.81
CA MET A 53 -1.73 -7.47 -15.43
C MET A 53 -0.99 -8.48 -14.55
N PRO A 54 -0.82 -8.15 -13.24
CA PRO A 54 -0.20 -9.10 -12.32
C PRO A 54 -1.04 -10.35 -12.09
N CYS A 55 -0.37 -11.36 -11.49
CA CYS A 55 -1.03 -12.60 -11.10
CA CYS A 55 -1.03 -12.61 -11.08
C CYS A 55 -2.27 -12.31 -10.25
N TYR A 56 -3.38 -13.05 -10.50
CA TYR A 56 -4.68 -12.83 -9.83
C TYR A 56 -4.51 -13.02 -8.32
N PHE A 57 -5.27 -12.23 -7.57
CA PHE A 57 -5.41 -12.43 -6.13
C PHE A 57 -6.85 -12.01 -5.81
N ASP A 58 -7.30 -12.27 -4.57
CA ASP A 58 -8.66 -11.96 -4.23
C ASP A 58 -8.73 -10.54 -3.76
N LEU A 59 -9.41 -9.68 -4.52
CA LEU A 59 -9.54 -8.27 -4.18
C LEU A 59 -10.60 -8.12 -3.11
N ILE A 60 -10.18 -7.58 -1.96
CA ILE A 60 -11.08 -7.40 -0.81
C ILE A 60 -11.26 -5.92 -0.48
N GLU A 61 -12.46 -5.61 0.09
CA GLU A 61 -12.82 -4.26 0.44
C GLU A 61 -12.48 -3.84 1.87
N GLU A 62 -12.21 -4.83 2.73
CA GLU A 62 -11.86 -4.60 4.12
C GLU A 62 -11.10 -5.82 4.60
N ASN A 63 -10.36 -5.64 5.68
CA ASN A 63 -9.63 -6.75 6.29
C ASN A 63 -10.52 -7.92 6.64
N VAL A 64 -9.97 -9.13 6.47
CA VAL A 64 -10.66 -10.36 6.88
C VAL A 64 -9.99 -10.90 8.12
N TYR A 65 -10.70 -10.98 9.22
CA TYR A 65 -10.18 -11.57 10.44
C TYR A 65 -10.40 -13.06 10.47
N LEU A 66 -9.38 -13.81 10.85
CA LEU A 66 -9.57 -15.28 10.81
C LEU A 66 -10.09 -15.83 12.14
N MET A 81 -15.95 8.97 19.97
CA MET A 81 -15.06 10.12 19.77
C MET A 81 -15.69 11.19 18.87
N GLN A 82 -16.08 12.34 19.46
CA GLN A 82 -16.75 13.44 18.76
C GLN A 82 -15.86 14.67 18.74
N CYS A 83 -15.49 15.16 17.54
CA CYS A 83 -14.60 16.32 17.53
C CYS A 83 -15.35 17.63 17.88
N GLU A 84 -14.65 18.76 17.82
CA GLU A 84 -15.26 20.08 18.15
C GLU A 84 -15.27 21.00 16.95
N CYS A 85 -15.20 20.43 15.71
CA CYS A 85 -15.14 21.22 14.49
C CYS A 85 -16.44 21.95 14.24
N THR A 86 -16.35 23.21 13.81
CA THR A 86 -17.54 24.00 13.53
C THR A 86 -18.22 23.43 12.27
N PRO A 87 -19.56 23.22 12.21
CA PRO A 87 -20.16 22.79 10.93
C PRO A 87 -19.95 23.83 9.84
N LEU A 88 -19.35 23.43 8.72
CA LEU A 88 -19.21 24.27 7.54
C LEU A 88 -20.36 23.96 6.60
N ILE A 98 -11.79 23.67 4.98
CA ILE A 98 -11.81 22.19 4.99
C ILE A 98 -12.68 21.69 6.17
N ALA A 99 -13.67 20.77 5.90
CA ALA A 99 -14.51 20.18 6.98
C ALA A 99 -13.67 19.11 7.72
N CYS A 100 -13.39 19.30 9.02
CA CYS A 100 -12.51 18.41 9.78
C CYS A 100 -11.10 18.31 9.16
N GLY A 101 -10.53 19.49 8.92
CA GLY A 101 -9.16 19.59 8.47
C GLY A 101 -8.12 19.40 9.53
N GLU A 102 -6.96 20.08 9.36
CA GLU A 102 -5.79 19.80 10.17
C GLU A 102 -5.97 20.01 11.67
N ASP A 103 -6.94 20.83 12.10
CA ASP A 103 -7.12 21.12 13.52
C ASP A 103 -8.15 20.21 14.17
N CYS A 104 -8.72 19.24 13.40
CA CYS A 104 -9.77 18.41 13.95
C CYS A 104 -9.18 17.52 15.07
N LEU A 105 -9.87 17.53 16.24
CA LEU A 105 -9.29 16.82 17.42
C LEU A 105 -9.27 15.30 17.21
N ASN A 106 -10.18 14.74 16.37
CA ASN A 106 -10.08 13.32 16.00
C ASN A 106 -8.89 13.08 15.08
N ARG A 107 -8.78 13.86 13.99
CA ARG A 107 -7.69 13.71 13.03
C ARG A 107 -6.31 13.76 13.73
N LEU A 108 -6.16 14.70 14.70
CA LEU A 108 -4.87 14.87 15.36
C LEU A 108 -4.42 13.63 16.08
N LEU A 109 -5.37 12.80 16.53
CA LEU A 109 -5.05 11.54 17.23
C LEU A 109 -5.14 10.32 16.31
N MET A 110 -5.24 10.54 14.96
CA MET A 110 -5.34 9.46 13.98
C MET A 110 -6.60 8.62 14.31
N ILE A 111 -7.72 9.34 14.64
CA ILE A 111 -9.04 8.73 14.82
C ILE A 111 -9.92 9.30 13.71
N GLU A 112 -10.65 8.44 12.97
CA GLU A 112 -11.65 8.94 12.03
C GLU A 112 -12.91 9.34 12.71
N CYS A 113 -13.60 10.33 12.10
CA CYS A 113 -14.94 10.68 12.56
C CYS A 113 -15.96 9.59 12.24
N SER A 114 -17.10 9.69 12.94
CA SER A 114 -18.25 8.81 12.68
C SER A 114 -19.25 9.54 11.80
N SER A 115 -20.34 8.84 11.39
CA SER A 115 -21.46 9.49 10.70
C SER A 115 -22.11 10.67 11.48
N ARG A 116 -21.86 10.74 12.82
CA ARG A 116 -22.39 11.79 13.70
C ARG A 116 -21.51 13.02 13.71
N CYS A 117 -20.40 13.04 12.94
CA CYS A 117 -19.58 14.22 12.83
C CYS A 117 -20.39 15.52 12.71
N PRO A 118 -20.02 16.63 13.40
CA PRO A 118 -20.69 17.94 13.11
C PRO A 118 -20.73 18.40 11.64
N ASN A 119 -19.83 17.90 10.81
CA ASN A 119 -19.77 18.24 9.38
C ASN A 119 -20.58 17.27 8.52
N GLY A 120 -21.23 16.32 9.17
CA GLY A 120 -21.98 15.25 8.48
C GLY A 120 -21.24 14.65 7.30
N ASP A 121 -21.91 14.57 6.14
CA ASP A 121 -21.43 13.93 4.92
C ASP A 121 -20.18 14.64 4.34
N TYR A 122 -19.95 15.89 4.74
CA TYR A 122 -18.86 16.67 4.18
C TYR A 122 -17.57 16.46 4.96
N CYS A 123 -17.64 15.74 6.10
CA CYS A 123 -16.42 15.43 6.85
C CYS A 123 -15.30 14.91 5.95
N SER A 124 -14.11 15.50 6.01
CA SER A 124 -12.97 15.03 5.21
C SER A 124 -12.09 13.99 5.96
N ASN A 125 -12.51 13.62 7.19
CA ASN A 125 -11.74 12.74 8.06
C ASN A 125 -12.42 11.36 8.20
N ARG A 126 -12.96 10.85 7.08
CA ARG A 126 -13.56 9.51 7.02
C ARG A 126 -13.03 8.78 5.77
N ARG A 127 -11.75 9.00 5.48
CA ARG A 127 -11.13 8.52 4.21
C ARG A 127 -11.07 6.99 4.15
N PHE A 128 -10.71 6.30 5.26
CA PHE A 128 -10.73 4.83 5.20
C PHE A 128 -12.19 4.37 5.02
N GLN A 129 -13.15 4.96 5.77
CA GLN A 129 -14.55 4.50 5.69
C GLN A 129 -15.13 4.69 4.29
N ARG A 130 -14.75 5.78 3.62
CA ARG A 130 -15.29 6.08 2.30
C ARG A 130 -14.37 5.58 1.19
N LYS A 131 -13.27 4.89 1.56
CA LYS A 131 -12.27 4.34 0.60
C LYS A 131 -11.84 5.45 -0.37
N GLN A 132 -11.50 6.63 0.22
CA GLN A 132 -11.15 7.82 -0.56
C GLN A 132 -9.66 7.73 -1.02
N HIS A 133 -9.33 6.68 -1.76
CA HIS A 133 -7.95 6.40 -2.14
C HIS A 133 -7.49 7.44 -3.19
N ALA A 134 -6.16 7.61 -3.25
CA ALA A 134 -5.54 8.46 -4.28
C ALA A 134 -5.69 7.83 -5.65
N ASP A 135 -5.48 8.68 -6.67
CA ASP A 135 -5.48 8.26 -8.05
C ASP A 135 -4.13 7.55 -8.29
N VAL A 136 -4.19 6.19 -8.29
CA VAL A 136 -2.99 5.35 -8.45
C VAL A 136 -3.15 4.40 -9.66
N GLU A 137 -2.03 4.00 -10.20
CA GLU A 137 -1.94 3.04 -11.32
C GLU A 137 -0.90 2.00 -10.96
N VAL A 138 -1.06 0.80 -11.47
CA VAL A 138 -0.12 -0.32 -11.25
C VAL A 138 0.82 -0.34 -12.44
N ILE A 139 2.14 -0.45 -12.15
CA ILE A 139 3.19 -0.44 -13.17
C ILE A 139 4.04 -1.72 -13.09
N LEU A 140 4.69 -2.10 -14.22
CA LEU A 140 5.64 -3.19 -14.18
C LEU A 140 7.06 -2.57 -14.20
N THR A 141 7.81 -2.83 -13.14
CA THR A 141 9.16 -2.28 -13.02
C THR A 141 10.16 -3.24 -13.65
N GLU A 142 11.39 -2.70 -13.89
CA GLU A 142 12.45 -3.53 -14.50
C GLU A 142 12.87 -4.68 -13.61
N LYS A 143 13.01 -4.39 -12.28
CA LYS A 143 13.69 -5.38 -11.41
C LYS A 143 12.89 -5.85 -10.20
N LYS A 144 11.84 -5.08 -9.81
CA LYS A 144 11.18 -5.38 -8.51
C LYS A 144 9.83 -6.05 -8.66
N GLY A 145 9.41 -6.37 -9.89
CA GLY A 145 8.05 -6.84 -10.14
C GLY A 145 7.11 -5.66 -10.38
N TRP A 146 5.85 -5.80 -10.03
CA TRP A 146 4.88 -4.72 -10.20
C TRP A 146 5.09 -3.69 -9.13
N GLY A 147 4.49 -2.54 -9.31
CA GLY A 147 4.62 -1.43 -8.37
C GLY A 147 3.41 -0.51 -8.51
N LEU A 148 3.38 0.55 -7.70
CA LEU A 148 2.28 1.53 -7.76
C LEU A 148 2.84 2.88 -8.11
N ARG A 149 2.12 3.66 -8.94
CA ARG A 149 2.49 5.04 -9.23
C ARG A 149 1.36 5.99 -9.00
N ALA A 150 1.74 7.23 -8.68
CA ALA A 150 0.75 8.33 -8.55
C ALA A 150 0.28 8.72 -9.97
N ALA A 151 -1.02 8.86 -10.18
CA ALA A 151 -1.54 9.32 -11.47
C ALA A 151 -1.93 10.79 -11.46
N LYS A 152 -1.79 11.43 -10.30
CA LYS A 152 -1.90 12.88 -10.09
C LYS A 152 -0.86 13.34 -9.08
N ASP A 153 -0.55 14.66 -9.06
CA ASP A 153 0.29 15.18 -7.99
C ASP A 153 -0.42 14.91 -6.64
N LEU A 154 0.33 14.32 -5.68
CA LEU A 154 -0.19 14.05 -4.35
C LEU A 154 0.53 14.94 -3.33
N PRO A 155 -0.16 15.90 -2.71
CA PRO A 155 0.45 16.66 -1.61
C PRO A 155 0.95 15.73 -0.48
N SER A 156 1.85 16.24 0.34
CA SER A 156 2.26 15.54 1.54
C SER A 156 1.05 15.17 2.44
N ASN A 157 1.15 13.97 3.06
CA ASN A 157 0.13 13.43 3.97
C ASN A 157 -1.19 13.22 3.23
N THR A 158 -1.10 12.82 1.94
CA THR A 158 -2.27 12.32 1.23
C THR A 158 -2.43 10.81 1.49
N PHE A 159 -3.66 10.40 1.81
CA PHE A 159 -4.00 9.02 1.93
C PHE A 159 -3.91 8.37 0.54
N VAL A 160 -3.06 7.32 0.46
CA VAL A 160 -2.91 6.59 -0.80
C VAL A 160 -3.92 5.49 -0.92
N LEU A 161 -3.82 4.49 -0.04
CA LEU A 161 -4.68 3.30 -0.05
C LEU A 161 -4.60 2.67 1.34
N GLU A 162 -5.67 2.01 1.76
CA GLU A 162 -5.57 1.14 2.93
C GLU A 162 -4.82 -0.15 2.57
N TYR A 163 -3.96 -0.63 3.50
CA TYR A 163 -3.37 -1.93 3.34
C TYR A 163 -4.30 -2.97 3.90
N CYS A 164 -5.03 -3.62 3.01
CA CYS A 164 -6.00 -4.67 3.41
C CYS A 164 -5.40 -6.06 3.26
N GLY A 165 -5.86 -6.97 4.08
CA GLY A 165 -5.44 -8.36 3.92
C GLY A 165 -6.14 -9.23 4.92
N GLU A 166 -5.66 -10.49 5.04
CA GLU A 166 -6.11 -11.40 6.08
C GLU A 166 -5.36 -11.05 7.35
N VAL A 167 -6.07 -10.86 8.46
CA VAL A 167 -5.41 -10.52 9.72
C VAL A 167 -5.14 -11.84 10.47
N LEU A 168 -3.82 -12.06 10.71
CA LEU A 168 -3.38 -13.36 11.26
C LEU A 168 -2.96 -13.22 12.70
N ASP A 169 -3.27 -14.24 13.49
CA ASP A 169 -2.64 -14.39 14.80
C ASP A 169 -1.21 -14.95 14.65
N HIS A 170 -0.46 -15.03 15.75
CA HIS A 170 0.93 -15.48 15.72
CA HIS A 170 0.94 -15.45 15.61
C HIS A 170 1.04 -16.90 15.18
N LYS A 171 0.09 -17.79 15.54
CA LYS A 171 0.17 -19.18 15.08
C LYS A 171 0.01 -19.26 13.58
N GLU A 172 -1.02 -18.54 13.06
CA GLU A 172 -1.24 -18.60 11.62
C GLU A 172 -0.11 -17.94 10.88
N PHE A 173 0.42 -16.81 11.40
CA PHE A 173 1.57 -16.16 10.78
C PHE A 173 2.76 -17.13 10.70
N LYS A 174 3.09 -17.81 11.82
CA LYS A 174 4.26 -18.68 11.82
C LYS A 174 4.07 -19.81 10.78
N ALA A 175 2.84 -20.34 10.69
CA ALA A 175 2.58 -21.41 9.71
C ALA A 175 2.76 -20.87 8.28
N ARG A 176 2.19 -19.66 8.03
CA ARG A 176 2.30 -19.17 6.65
C ARG A 176 3.74 -18.78 6.27
N VAL A 177 4.53 -18.24 7.24
CA VAL A 177 5.96 -17.95 6.96
C VAL A 177 6.66 -19.25 6.47
N LYS A 178 6.41 -20.39 7.15
CA LYS A 178 7.02 -21.64 6.70
C LYS A 178 6.47 -22.10 5.35
N GLU A 179 5.14 -21.94 5.15
CA GLU A 179 4.48 -22.32 3.88
C GLU A 179 5.07 -21.53 2.71
N TYR A 180 5.20 -20.20 2.88
CA TYR A 180 5.69 -19.38 1.78
C TYR A 180 7.16 -19.59 1.50
N ALA A 181 7.99 -19.84 2.56
CA ALA A 181 9.42 -20.17 2.37
C ALA A 181 9.57 -21.48 1.63
N ARG A 182 8.78 -22.52 1.99
CA ARG A 182 8.82 -23.84 1.32
CA ARG A 182 8.92 -23.80 1.30
C ARG A 182 8.45 -23.65 -0.16
N ASN A 183 7.47 -22.76 -0.43
CA ASN A 183 7.00 -22.50 -1.80
C ASN A 183 7.94 -21.64 -2.63
N LYS A 184 9.05 -21.16 -2.01
CA LYS A 184 10.07 -20.29 -2.62
C LYS A 184 9.45 -19.02 -3.18
N ASN A 185 8.47 -18.44 -2.45
CA ASN A 185 7.82 -17.21 -2.92
C ASN A 185 8.85 -16.12 -3.13
N ILE A 186 8.70 -15.40 -4.24
CA ILE A 186 9.62 -14.32 -4.64
C ILE A 186 9.29 -13.06 -3.88
N HIS A 187 7.97 -12.80 -3.60
CA HIS A 187 7.59 -11.54 -2.98
C HIS A 187 6.88 -11.78 -1.69
N TYR A 188 7.00 -10.82 -0.77
CA TYR A 188 6.33 -10.88 0.52
C TYR A 188 5.36 -9.75 0.71
N TYR A 189 4.31 -10.05 1.51
CA TYR A 189 3.14 -9.19 1.63
C TYR A 189 2.64 -9.11 3.06
N PHE A 190 3.50 -9.37 4.02
CA PHE A 190 3.15 -9.20 5.43
C PHE A 190 3.38 -7.78 5.91
N MET A 191 2.51 -7.34 6.84
CA MET A 191 2.77 -6.05 7.53
C MET A 191 2.18 -6.17 8.91
N ALA A 192 2.94 -5.80 9.93
CA ALA A 192 2.42 -5.82 11.30
C ALA A 192 1.36 -4.79 11.49
N LEU A 193 0.25 -5.18 12.14
CA LEU A 193 -0.82 -4.23 12.51
C LEU A 193 -0.68 -3.89 13.98
N LYS A 194 -0.56 -4.88 14.83
CA LYS A 194 -0.30 -4.65 16.25
C LYS A 194 0.58 -5.77 16.75
N ASN A 195 1.05 -5.70 17.99
CA ASN A 195 2.04 -6.63 18.50
C ASN A 195 1.58 -8.11 18.33
N ASP A 196 0.24 -8.39 18.27
CA ASP A 196 -0.26 -9.79 18.12
C ASP A 196 -1.04 -10.08 16.76
N GLU A 197 -0.97 -9.15 15.79
CA GLU A 197 -1.80 -9.24 14.59
C GLU A 197 -0.94 -8.79 13.41
N ILE A 198 -0.79 -9.69 12.39
CA ILE A 198 -0.02 -9.39 11.20
C ILE A 198 -0.99 -9.45 10.02
N ILE A 199 -1.03 -8.40 9.16
CA ILE A 199 -1.85 -8.48 7.95
C ILE A 199 -1.03 -9.23 6.86
N ASP A 200 -1.70 -10.19 6.23
CA ASP A 200 -1.10 -10.94 5.12
C ASP A 200 -1.93 -10.65 3.87
N ALA A 201 -1.32 -9.94 2.92
CA ALA A 201 -2.01 -9.65 1.67
C ALA A 201 -1.55 -10.55 0.54
N THR A 202 -0.94 -11.73 0.88
CA THR A 202 -0.46 -12.61 -0.20
C THR A 202 -1.57 -13.11 -1.11
N GLN A 203 -2.67 -13.55 -0.48
CA GLN A 203 -3.78 -14.17 -1.17
C GLN A 203 -4.95 -13.20 -1.37
N LYS A 204 -5.21 -12.35 -0.35
CA LYS A 204 -6.36 -11.43 -0.37
C LYS A 204 -5.86 -10.05 0.03
N GLY A 205 -6.25 -9.02 -0.71
CA GLY A 205 -5.84 -7.66 -0.38
C GLY A 205 -6.30 -6.70 -1.44
N ASN A 206 -5.56 -5.61 -1.63
CA ASN A 206 -5.90 -4.73 -2.71
C ASN A 206 -4.60 -4.28 -3.38
N CYS A 207 -4.64 -3.26 -4.24
CA CYS A 207 -3.42 -2.96 -5.00
C CYS A 207 -2.28 -2.40 -4.17
N SER A 208 -2.55 -2.05 -2.87
CA SER A 208 -1.47 -1.63 -1.97
C SER A 208 -0.47 -2.76 -1.80
N ARG A 209 -0.84 -4.02 -2.11
CA ARG A 209 0.17 -5.11 -2.03
C ARG A 209 1.34 -4.90 -3.00
N PHE A 210 1.16 -4.05 -4.04
CA PHE A 210 2.25 -3.86 -5.01
C PHE A 210 3.24 -2.80 -4.59
N MET A 211 3.07 -2.16 -3.43
CA MET A 211 4.02 -1.11 -3.05
C MET A 211 5.41 -1.65 -2.82
N ASN A 212 6.39 -0.97 -3.44
CA ASN A 212 7.78 -1.40 -3.30
C ASN A 212 8.55 -0.62 -2.26
N HIS A 213 9.64 -1.21 -1.81
CA HIS A 213 10.54 -0.62 -0.83
C HIS A 213 11.50 0.35 -1.47
N SER A 214 11.75 1.48 -0.80
CA SER A 214 12.87 2.36 -1.13
C SER A 214 13.62 2.73 0.10
N CYS A 215 14.94 2.87 -0.07
CA CYS A 215 15.83 3.34 1.01
C CYS A 215 15.59 4.82 1.28
N GLU A 216 14.93 5.55 0.33
CA GLU A 216 14.60 6.96 0.46
C GLU A 216 13.19 7.11 -0.07
N PRO A 217 12.22 6.66 0.76
CA PRO A 217 10.83 6.53 0.29
C PRO A 217 10.03 7.83 0.27
N ASN A 218 8.86 7.74 -0.42
CA ASN A 218 7.97 8.90 -0.45
C ASN A 218 6.64 8.67 0.24
N CYS A 219 6.42 7.47 0.81
CA CYS A 219 5.23 7.14 1.60
C CYS A 219 5.63 6.52 2.90
N GLU A 220 4.68 6.52 3.84
CA GLU A 220 4.83 5.80 5.12
C GLU A 220 3.50 5.12 5.42
N THR A 221 3.52 4.23 6.40
CA THR A 221 2.24 3.75 6.94
C THR A 221 1.80 4.61 8.13
N GLN A 222 0.46 4.70 8.30
CA GLN A 222 -0.12 5.27 9.52
C GLN A 222 -1.24 4.34 9.95
N LYS A 223 -1.35 4.13 11.26
CA LYS A 223 -2.35 3.24 11.85
C LYS A 223 -3.42 4.09 12.50
N TRP A 224 -4.64 4.04 11.92
CA TRP A 224 -5.72 4.88 12.34
C TRP A 224 -6.80 4.05 13.03
N THR A 225 -7.52 4.67 13.97
CA THR A 225 -8.64 3.98 14.65
C THR A 225 -9.93 4.38 13.91
N VAL A 226 -10.68 3.40 13.46
CA VAL A 226 -11.93 3.61 12.71
C VAL A 226 -12.96 2.73 13.40
N ASN A 227 -13.97 3.37 14.04
CA ASN A 227 -14.97 2.66 14.80
CA ASN A 227 -15.03 2.62 14.72
C ASN A 227 -14.34 1.69 15.79
N GLY A 228 -13.32 2.19 16.48
CA GLY A 228 -12.63 1.42 17.52
C GLY A 228 -11.67 0.35 17.03
N GLN A 229 -11.53 0.17 15.69
CA GLN A 229 -10.70 -0.91 15.12
C GLN A 229 -9.47 -0.24 14.47
N LEU A 230 -8.27 -0.75 14.69
CA LEU A 230 -7.08 -0.18 14.05
C LEU A 230 -6.99 -0.69 12.63
N ARG A 231 -6.68 0.23 11.72
CA ARG A 231 -6.52 -0.12 10.29
C ARG A 231 -5.24 0.60 9.84
N VAL A 232 -4.58 0.12 8.78
CA VAL A 232 -3.33 0.74 8.37
C VAL A 232 -3.44 1.16 6.92
N GLY A 233 -2.91 2.35 6.65
CA GLY A 233 -2.88 2.86 5.31
C GLY A 233 -1.54 3.43 4.94
N PHE A 234 -1.33 3.62 3.64
CA PHE A 234 -0.18 4.32 3.11
C PHE A 234 -0.51 5.77 2.92
N PHE A 235 0.42 6.64 3.31
CA PHE A 235 0.25 8.09 3.16
C PHE A 235 1.54 8.66 2.61
N THR A 236 1.43 9.63 1.69
CA THR A 236 2.67 10.25 1.21
C THR A 236 3.35 11.06 2.35
N THR A 237 4.67 11.19 2.29
CA THR A 237 5.42 11.99 3.27
C THR A 237 6.05 13.24 2.66
N LYS A 238 5.82 13.41 1.38
CA LYS A 238 6.18 14.65 0.68
C LYS A 238 5.24 14.79 -0.51
N LEU A 239 5.36 15.91 -1.22
CA LEU A 239 4.65 16.06 -2.50
C LEU A 239 5.22 15.05 -3.45
N VAL A 240 4.34 14.21 -4.05
CA VAL A 240 4.75 13.20 -5.02
C VAL A 240 4.19 13.60 -6.37
N PRO A 241 5.06 13.95 -7.34
CA PRO A 241 4.56 14.41 -8.65
C PRO A 241 3.86 13.28 -9.38
N SER A 242 2.88 13.67 -10.18
CA SER A 242 2.25 12.76 -11.11
C SER A 242 3.29 11.92 -11.87
N GLY A 243 3.06 10.60 -11.96
CA GLY A 243 3.93 9.68 -12.68
C GLY A 243 4.99 9.01 -11.84
N SER A 244 5.19 9.46 -10.62
CA SER A 244 6.25 8.93 -9.73
C SER A 244 5.80 7.62 -9.05
N GLU A 245 6.74 6.66 -9.00
CA GLU A 245 6.46 5.43 -8.22
C GLU A 245 6.31 5.79 -6.77
N LEU A 246 5.31 5.17 -6.13
CA LEU A 246 5.11 5.33 -4.70
C LEU A 246 5.90 4.24 -3.99
N THR A 247 6.62 4.64 -2.95
CA THR A 247 7.52 3.70 -2.26
C THR A 247 7.44 3.89 -0.77
N PHE A 248 7.87 2.89 -0.02
CA PHE A 248 7.87 3.02 1.45
C PHE A 248 9.05 2.25 2.06
N ASP A 249 9.29 2.45 3.34
CA ASP A 249 10.27 1.64 4.07
C ASP A 249 9.64 0.32 4.49
N TYR A 250 10.01 -0.78 3.83
CA TYR A 250 9.35 -2.08 4.13
C TYR A 250 9.98 -2.67 5.37
N GLN A 251 9.55 -2.17 6.53
CA GLN A 251 10.16 -2.52 7.81
C GLN A 251 10.10 -4.05 8.03
N PHE A 252 8.97 -4.72 7.64
CA PHE A 252 8.87 -6.16 7.91
C PHE A 252 10.09 -6.92 7.37
N GLN A 253 10.47 -6.62 6.10
CA GLN A 253 11.60 -7.32 5.56
C GLN A 253 12.90 -6.67 5.92
N ARG A 254 12.94 -5.33 6.06
CA ARG A 254 14.19 -4.64 6.35
C ARG A 254 14.89 -5.17 7.60
N TYR A 255 14.10 -5.47 8.64
CA TYR A 255 14.68 -5.95 9.91
C TYR A 255 14.57 -7.43 10.07
N GLY A 256 14.14 -8.12 9.01
CA GLY A 256 14.16 -9.58 9.00
C GLY A 256 15.57 -10.15 8.93
N LYS A 257 15.71 -11.47 9.15
CA LYS A 257 17.04 -12.12 9.23
C LYS A 257 17.75 -12.18 7.88
N GLU A 258 17.02 -12.49 6.82
CA GLU A 258 17.68 -12.68 5.52
C GLU A 258 17.62 -11.43 4.67
N ALA A 259 18.46 -11.40 3.64
CA ALA A 259 18.61 -10.19 2.86
C ALA A 259 18.48 -10.50 1.36
N GLN A 260 18.22 -9.45 0.60
CA GLN A 260 18.22 -9.56 -0.84
C GLN A 260 18.73 -8.22 -1.45
N LYS A 261 19.23 -8.29 -2.68
CA LYS A 261 19.64 -7.08 -3.36
C LYS A 261 18.50 -6.06 -3.37
N CYS A 262 18.82 -4.79 -3.05
CA CYS A 262 17.86 -3.71 -3.18
C CYS A 262 17.99 -3.01 -4.50
N PHE A 263 16.86 -2.95 -5.23
CA PHE A 263 16.81 -2.31 -6.54
C PHE A 263 16.17 -0.91 -6.50
N CYS A 264 16.15 -0.24 -5.33
CA CYS A 264 15.43 1.03 -5.27
C CYS A 264 16.06 2.13 -6.09
N GLY A 265 17.38 2.06 -6.31
CA GLY A 265 18.01 3.08 -7.17
C GLY A 265 18.31 4.39 -6.47
N SER A 266 18.00 4.50 -5.17
CA SER A 266 18.21 5.75 -4.44
CA SER A 266 18.17 5.78 -4.52
C SER A 266 19.64 6.13 -4.35
N ALA A 267 19.91 7.44 -4.31
CA ALA A 267 21.25 7.97 -4.21
C ALA A 267 22.00 7.35 -3.06
N ASN A 268 21.30 7.09 -1.92
CA ASN A 268 21.89 6.53 -0.71
C ASN A 268 21.30 5.13 -0.35
N CYS A 269 20.97 4.36 -1.38
CA CYS A 269 20.57 2.98 -1.18
C CYS A 269 21.54 2.24 -0.28
N ARG A 270 20.98 1.46 0.65
CA ARG A 270 21.77 0.64 1.59
C ARG A 270 22.25 -0.69 0.97
N GLY A 271 21.94 -0.94 -0.30
CA GLY A 271 22.53 -2.04 -1.05
C GLY A 271 21.73 -3.33 -1.02
N TYR A 272 21.27 -3.63 0.20
CA TYR A 272 20.39 -4.77 0.36
C TYR A 272 19.27 -4.46 1.28
N LEU A 273 18.20 -5.21 1.12
CA LEU A 273 16.98 -5.11 1.92
C LEU A 273 16.95 -6.35 2.80
N GLY A 274 17.01 -6.12 4.11
CA GLY A 274 16.96 -7.23 5.05
C GLY A 274 18.30 -7.36 5.75
N GLY A 275 18.29 -8.16 6.81
CA GLY A 275 19.50 -8.40 7.59
C GLY A 275 20.04 -7.22 8.41
N GLU A 276 19.18 -6.24 8.68
CA GLU A 276 19.53 -5.03 9.41
C GLU A 276 18.88 -5.09 10.77
N ASN A 277 19.49 -4.39 11.73
CA ASN A 277 18.85 -4.17 13.04
C ASN A 277 18.65 -2.68 13.27
N ARG A 278 17.60 -2.34 13.98
CA ARG A 278 17.39 -0.93 14.39
C ARG A 278 18.56 -0.54 15.31
N VAL A 279 18.83 0.78 15.42
CA VAL A 279 19.90 1.31 16.24
C VAL A 279 19.75 0.87 17.69
N SER A 280 20.84 0.37 18.27
CA SER A 280 20.85 0.11 19.70
C SER A 280 22.22 0.49 20.25
N ILE A 281 22.27 0.65 21.56
CA ILE A 281 23.50 0.95 22.29
C ILE A 281 23.70 -0.19 23.25
N ARG A 282 24.73 -1.03 22.99
CA ARG A 282 24.82 -2.31 23.65
C ARG A 282 25.65 -2.30 24.88
N ALA A 283 25.30 -3.24 25.79
CA ALA A 283 25.89 -3.72 27.07
C ALA A 283 25.22 -3.12 28.30
#